data_4JPY
#
_entry.id   4JPY
#
_cell.length_a   38.294
_cell.length_b   36.846
_cell.length_c   48.388
_cell.angle_alpha   107.70
_cell.angle_beta   103.88
_cell.angle_gamma   84.58
#
_symmetry.space_group_name_H-M   'P 1'
#
loop_
_entity.id
_entity.type
_entity.pdbx_description
1 polymer Phenylalanine-4-hydroxylase
2 non-polymer 'FE (III) ION'
3 non-polymer PHENYLALANINE
4 water water
#
_entity_poly.entity_id   1
_entity_poly.type   'polypeptide(L)'
_entity_poly.pdbx_seq_one_letter_code
;MNDRADFVVPDITTRKNVGLSHDANDFTLPQPLDRYSAEDHATWATLYQRQCKLLPGRACDEFLEGLERLEVDADRVPDF
NKLNEKLMAATGWKIVAVPGLIPDDVFFEHLANRRFPVTWWLREPHQLDYLQEPDVFHDLFGHVPLLINPVFADYLEAYG
KGGVKAKALGALPMLARLYWYTVEFGLINTPAGMRIYGAGILSSKSESIYCLDSASPNRVGFDLMRIMNTRYRIDTFQKT
YFVIDSFKQLFDATAPDFAPLYLQLADAQPWGAGDIAPDDLVLNAGDHQGWADTEDV
;
_entity_poly.pdbx_strand_id   A
#
loop_
_chem_comp.id
_chem_comp.type
_chem_comp.name
_chem_comp.formula
FE non-polymer 'FE (III) ION' 'Fe 3'
#
# COMPACT_ATOMS: atom_id res chain seq x y z
N PRO A 10 2.52 16.56 20.98
CA PRO A 10 3.20 15.33 20.55
C PRO A 10 2.29 14.42 19.72
N ASP A 11 2.76 14.04 18.54
CA ASP A 11 2.00 13.20 17.59
C ASP A 11 1.81 11.76 18.09
N ILE A 12 1.13 10.96 17.26
CA ILE A 12 0.86 9.55 17.57
C ILE A 12 2.17 8.72 17.55
N THR A 13 2.93 8.80 16.46
CA THR A 13 4.26 8.16 16.34
C THR A 13 5.22 8.41 17.50
N THR A 14 5.47 9.67 17.83
CA THR A 14 6.34 10.02 18.96
C THR A 14 5.76 9.39 20.23
N ARG A 15 4.45 9.52 20.41
CA ARG A 15 3.74 9.05 21.59
C ARG A 15 3.86 7.53 21.74
N LYS A 16 3.52 6.81 20.66
CA LYS A 16 3.62 5.34 20.62
C LYS A 16 5.03 4.82 20.85
N ASN A 17 6.02 5.54 20.34
CA ASN A 17 7.43 5.13 20.43
C ASN A 17 8.22 5.57 21.68
N VAL A 18 7.61 6.35 22.58
CA VAL A 18 8.32 6.78 23.81
C VAL A 18 9.01 5.58 24.48
N GLY A 19 10.33 5.64 24.62
CA GLY A 19 11.09 4.59 25.30
C GLY A 19 11.73 3.52 24.43
N LEU A 20 11.35 3.47 23.16
CA LEU A 20 11.85 2.46 22.22
C LEU A 20 13.04 2.98 21.39
N SER A 21 13.63 2.10 20.60
CA SER A 21 14.71 2.51 19.69
C SER A 21 14.52 1.99 18.26
N HIS A 22 15.58 2.07 17.46
CA HIS A 22 15.58 1.51 16.11
C HIS A 22 17.01 1.31 15.60
N ASP A 23 17.19 0.35 14.68
CA ASP A 23 18.46 0.23 13.98
C ASP A 23 18.82 1.56 13.30
N ALA A 24 20.06 2.01 13.53
CA ALA A 24 20.56 3.27 12.99
C ALA A 24 20.60 3.25 11.45
N ASN A 25 20.93 2.09 10.88
CA ASN A 25 21.06 1.96 9.43
C ASN A 25 19.74 1.79 8.68
N ASP A 26 18.88 0.89 9.13
CA ASP A 26 17.64 0.63 8.38
C ASP A 26 16.34 0.95 9.12
N PHE A 27 16.45 1.57 10.29
CA PHE A 27 15.28 2.13 11.02
C PHE A 27 14.29 1.07 11.45
N THR A 28 14.76 -0.17 11.53
CA THR A 28 13.92 -1.23 12.00
C THR A 28 14.14 -1.51 13.49
N LEU A 29 13.14 -2.13 14.11
CA LEU A 29 13.31 -2.73 15.42
C LEU A 29 12.69 -4.14 15.40
N PRO A 30 13.06 -4.99 16.37
CA PRO A 30 12.26 -6.20 16.51
C PRO A 30 10.87 -5.78 17.01
N GLN A 31 9.83 -6.46 16.56
CA GLN A 31 8.48 -6.11 16.97
C GLN A 31 8.33 -6.10 18.51
N PRO A 32 8.01 -4.94 19.09
CA PRO A 32 7.85 -4.81 20.54
C PRO A 32 6.55 -5.47 21.00
N LEU A 33 6.57 -6.80 21.05
CA LEU A 33 5.44 -7.66 21.38
C LEU A 33 4.87 -7.44 22.78
N ASP A 34 5.75 -7.23 23.76
CA ASP A 34 5.37 -6.49 24.97
C ASP A 34 4.94 -5.15 24.40
N ARG A 35 4.17 -4.36 25.14
CA ARG A 35 3.68 -3.06 24.62
C ARG A 35 2.37 -3.16 23.84
N TYR A 36 2.06 -4.34 23.31
CA TYR A 36 0.70 -4.61 22.88
C TYR A 36 -0.11 -4.88 24.14
N SER A 37 -1.18 -4.10 24.34
CA SER A 37 -2.10 -4.37 25.46
C SER A 37 -3.28 -5.12 24.91
N ALA A 38 -4.05 -5.71 25.81
CA ALA A 38 -5.22 -6.46 25.43
C ALA A 38 -6.12 -5.59 24.56
N GLU A 39 -6.15 -4.28 24.82
CA GLU A 39 -6.97 -3.38 24.02
C GLU A 39 -6.48 -3.33 22.56
N ASP A 40 -5.17 -3.45 22.38
CA ASP A 40 -4.58 -3.57 21.03
C ASP A 40 -5.12 -4.83 20.34
N HIS A 41 -5.08 -5.97 21.02
CA HIS A 41 -5.60 -7.20 20.40
C HIS A 41 -7.08 -7.12 20.04
N ALA A 42 -7.85 -6.46 20.90
CA ALA A 42 -9.30 -6.34 20.67
C ALA A 42 -9.57 -5.38 19.52
N THR A 43 -8.80 -4.30 19.47
CA THR A 43 -8.89 -3.34 18.36
C THR A 43 -8.52 -4.03 17.06
N TRP A 44 -7.39 -4.75 17.04
CA TRP A 44 -7.01 -5.55 15.87
C TRP A 44 -8.14 -6.48 15.42
N ALA A 45 -8.63 -7.29 16.35
CA ALA A 45 -9.73 -8.23 16.11
C ALA A 45 -10.98 -7.57 15.54
N THR A 46 -11.34 -6.39 16.06
CA THR A 46 -12.54 -5.67 15.62
C THR A 46 -12.35 -5.19 14.19
N LEU A 47 -11.19 -4.57 13.93
CA LEU A 47 -10.84 -4.08 12.60
C LEU A 47 -10.77 -5.17 11.54
N TYR A 48 -10.06 -6.25 11.88
CA TYR A 48 -9.95 -7.43 11.04
C TYR A 48 -11.34 -7.97 10.72
N GLN A 49 -12.11 -8.29 11.77
CA GLN A 49 -13.49 -8.77 11.65
C GLN A 49 -14.33 -7.90 10.72
N ARG A 50 -14.36 -6.59 10.97
CA ARG A 50 -15.13 -5.64 10.18
C ARG A 50 -14.73 -5.63 8.70
N GLN A 51 -13.42 -5.69 8.40
CA GLN A 51 -12.95 -5.79 7.00
C GLN A 51 -13.29 -7.13 6.35
N CYS A 52 -13.09 -8.22 7.07
CA CYS A 52 -13.38 -9.56 6.54
C CYS A 52 -14.85 -9.80 6.15
N LYS A 53 -15.77 -9.16 6.87
CA LYS A 53 -17.19 -9.29 6.56
C LYS A 53 -17.55 -8.39 5.39
N LEU A 54 -16.80 -7.31 5.25
CA LEU A 54 -17.08 -6.31 4.25
C LEU A 54 -16.41 -6.62 2.90
N LEU A 55 -15.25 -7.28 2.92
CA LEU A 55 -14.44 -7.34 1.70
C LEU A 55 -14.81 -8.34 0.60
N PRO A 56 -15.57 -9.44 0.93
CA PRO A 56 -15.93 -10.38 -0.14
C PRO A 56 -16.78 -9.70 -1.21
N GLY A 57 -16.38 -9.88 -2.47
CA GLY A 57 -17.02 -9.22 -3.63
C GLY A 57 -16.55 -7.78 -3.78
N ARG A 58 -15.50 -7.41 -3.04
CA ARG A 58 -14.88 -6.07 -3.12
C ARG A 58 -13.36 -6.15 -3.32
N ALA A 59 -12.65 -6.69 -2.34
CA ALA A 59 -11.22 -7.03 -2.49
C ALA A 59 -11.07 -8.03 -3.64
N CYS A 60 -9.98 -7.94 -4.40
CA CYS A 60 -9.65 -9.02 -5.36
C CYS A 60 -9.38 -10.29 -4.57
N ASP A 61 -9.50 -11.43 -5.24
CA ASP A 61 -9.46 -12.74 -4.57
C ASP A 61 -8.11 -13.03 -3.94
N GLU A 62 -7.04 -12.65 -4.66
CA GLU A 62 -5.65 -12.67 -4.22
C GLU A 62 -5.44 -12.03 -2.86
N PHE A 63 -6.22 -10.99 -2.55
CA PHE A 63 -6.07 -10.37 -1.23
C PHE A 63 -6.59 -11.31 -0.13
N LEU A 64 -7.84 -11.73 -0.27
CA LEU A 64 -8.50 -12.60 0.71
C LEU A 64 -7.73 -13.91 0.89
N GLU A 65 -7.23 -14.43 -0.22
CA GLU A 65 -6.39 -15.62 -0.21
C GLU A 65 -5.01 -15.44 0.49
N GLY A 66 -4.39 -14.28 0.34
CA GLY A 66 -3.17 -13.98 1.07
C GLY A 66 -3.36 -13.98 2.58
N LEU A 67 -4.47 -13.43 3.07
CA LEU A 67 -4.79 -13.51 4.53
C LEU A 67 -4.69 -14.94 5.07
N GLU A 68 -5.37 -15.85 4.38
CA GLU A 68 -5.38 -17.29 4.69
C GLU A 68 -4.00 -17.98 4.61
N ARG A 69 -3.33 -17.84 3.47
CA ARG A 69 -2.04 -18.48 3.26
C ARG A 69 -0.97 -17.93 4.23
N LEU A 70 -1.07 -16.66 4.61
CA LEU A 70 -0.10 -16.05 5.57
C LEU A 70 -0.55 -16.23 7.01
N GLU A 71 -1.74 -16.80 7.18
CA GLU A 71 -2.38 -16.97 8.48
C GLU A 71 -2.34 -15.71 9.35
N VAL A 72 -2.77 -14.58 8.77
CA VAL A 72 -2.84 -13.32 9.50
C VAL A 72 -3.89 -13.42 10.60
N ASP A 73 -3.44 -13.44 11.87
CA ASP A 73 -4.34 -13.61 13.02
C ASP A 73 -5.55 -12.70 12.97
N ALA A 74 -6.70 -13.27 13.28
CA ALA A 74 -7.97 -12.55 13.26
C ALA A 74 -8.27 -11.96 14.64
N ASP A 75 -7.55 -12.44 15.65
CA ASP A 75 -7.94 -12.18 17.04
C ASP A 75 -6.84 -11.49 17.86
N ARG A 76 -5.78 -11.04 17.19
CA ARG A 76 -4.65 -10.42 17.87
C ARG A 76 -3.68 -9.93 16.82
N VAL A 77 -2.85 -8.97 17.21
CA VAL A 77 -1.82 -8.45 16.30
C VAL A 77 -0.86 -9.59 15.99
N PRO A 78 -0.64 -9.88 14.69
CA PRO A 78 0.19 -11.05 14.34
C PRO A 78 1.63 -10.92 14.81
N ASP A 79 2.27 -12.07 14.98
CA ASP A 79 3.71 -12.14 15.26
C ASP A 79 4.40 -12.01 13.92
N PHE A 80 5.20 -10.95 13.74
CA PHE A 80 5.85 -10.70 12.43
C PHE A 80 6.73 -11.86 12.02
N ASN A 81 7.51 -12.39 12.96
CA ASN A 81 8.40 -13.50 12.65
C ASN A 81 7.65 -14.72 12.13
N LYS A 82 6.57 -15.11 12.81
CA LYS A 82 5.77 -16.27 12.38
C LYS A 82 5.18 -16.01 11.01
N LEU A 83 4.73 -14.78 10.80
CA LEU A 83 4.24 -14.40 9.48
C LEU A 83 5.37 -14.52 8.46
N ASN A 84 6.56 -14.04 8.80
CA ASN A 84 7.73 -14.08 7.89
C ASN A 84 8.11 -15.46 7.41
N GLU A 85 7.93 -16.45 8.30
CA GLU A 85 8.15 -17.86 7.95
C GLU A 85 7.33 -18.27 6.73
N LYS A 86 6.07 -17.85 6.69
CA LYS A 86 5.20 -18.17 5.55
C LYS A 86 5.47 -17.25 4.37
N LEU A 87 5.67 -15.96 4.65
CA LEU A 87 5.89 -14.98 3.58
C LEU A 87 7.18 -15.27 2.82
N MET A 88 8.26 -15.51 3.57
CA MET A 88 9.56 -15.85 2.95
C MET A 88 9.42 -17.04 2.02
N ALA A 89 8.82 -18.13 2.52
CA ALA A 89 8.58 -19.36 1.72
C ALA A 89 7.72 -19.20 0.45
N ALA A 90 6.74 -18.31 0.49
CA ALA A 90 5.88 -18.07 -0.67
C ALA A 90 6.55 -17.20 -1.75
N THR A 91 7.12 -16.07 -1.34
CA THR A 91 7.65 -15.12 -2.34
C THR A 91 9.03 -14.52 -2.04
N GLY A 92 9.70 -14.97 -0.98
CA GLY A 92 10.99 -14.38 -0.61
C GLY A 92 10.92 -13.02 0.07
N TRP A 93 9.73 -12.57 0.45
CA TRP A 93 9.58 -11.29 1.16
C TRP A 93 9.56 -11.47 2.68
N LYS A 94 10.00 -10.44 3.39
CA LYS A 94 9.77 -10.38 4.81
C LYS A 94 9.19 -9.02 5.18
N ILE A 95 8.51 -8.96 6.32
CA ILE A 95 8.12 -7.69 6.90
C ILE A 95 9.12 -7.30 7.97
N VAL A 96 9.40 -6.00 8.05
CA VAL A 96 10.24 -5.48 9.10
C VAL A 96 9.47 -4.41 9.86
N ALA A 97 9.53 -4.50 11.19
CA ALA A 97 8.86 -3.56 12.05
C ALA A 97 9.59 -2.22 12.01
N VAL A 98 8.85 -1.15 11.77
CA VAL A 98 9.40 0.21 11.83
C VAL A 98 8.62 1.02 12.87
N PRO A 99 9.17 2.15 13.32
CA PRO A 99 8.42 2.94 14.34
C PRO A 99 7.27 3.72 13.75
N GLY A 100 7.22 3.86 12.43
CA GLY A 100 6.20 4.67 11.75
C GLY A 100 6.77 5.14 10.43
N LEU A 101 6.40 6.33 10.00
CA LEU A 101 7.02 6.90 8.79
C LEU A 101 8.54 6.88 8.91
N ILE A 102 9.21 6.44 7.84
CA ILE A 102 10.68 6.38 7.80
C ILE A 102 11.23 7.22 6.62
N PRO A 103 12.53 7.56 6.64
CA PRO A 103 13.12 8.23 5.48
C PRO A 103 12.89 7.40 4.19
N ASP A 104 12.45 8.06 3.11
CA ASP A 104 12.16 7.38 1.84
C ASP A 104 13.31 6.55 1.28
N ASP A 105 14.52 7.06 1.44
CA ASP A 105 15.70 6.30 1.06
C ASP A 105 15.70 4.93 1.70
N VAL A 106 15.40 4.86 2.99
CA VAL A 106 15.37 3.58 3.71
C VAL A 106 14.23 2.69 3.21
N PHE A 107 13.11 3.33 2.85
CA PHE A 107 11.89 2.68 2.40
C PHE A 107 12.03 1.97 1.06
N PHE A 108 12.51 2.72 0.06
CA PHE A 108 12.86 2.14 -1.26
C PHE A 108 13.90 1.04 -1.15
N GLU A 109 14.96 1.27 -0.36
CA GLU A 109 15.98 0.26 -0.11
C GLU A 109 15.38 -0.99 0.51
N HIS A 110 14.45 -0.81 1.45
CA HIS A 110 13.71 -1.95 1.97
C HIS A 110 12.98 -2.72 0.87
N LEU A 111 12.18 -2.03 0.05
CA LEU A 111 11.36 -2.70 -0.97
C LEU A 111 12.26 -3.37 -2.03
N ALA A 112 13.31 -2.65 -2.43
CA ALA A 112 14.34 -3.19 -3.34
C ALA A 112 14.91 -4.48 -2.80
N ASN A 113 14.92 -4.64 -1.47
CA ASN A 113 15.45 -5.85 -0.87
C ASN A 113 14.38 -6.86 -0.41
N ARG A 114 13.14 -6.68 -0.84
CA ARG A 114 12.05 -7.58 -0.43
C ARG A 114 11.82 -7.56 1.09
N ARG A 115 12.01 -6.40 1.69
CA ARG A 115 11.59 -6.23 3.06
C ARG A 115 10.45 -5.25 3.02
N PHE A 116 9.31 -5.60 3.63
CA PHE A 116 8.21 -4.67 3.68
C PHE A 116 8.05 -3.98 5.05
N PRO A 117 8.36 -2.67 5.12
CA PRO A 117 8.31 -1.95 6.40
C PRO A 117 6.87 -1.82 6.89
N VAL A 118 6.61 -2.19 8.14
CA VAL A 118 5.28 -2.21 8.72
C VAL A 118 5.30 -1.44 10.04
N THR A 119 4.56 -0.33 10.16
CA THR A 119 4.47 0.37 11.45
C THR A 119 4.06 -0.67 12.50
N TRP A 120 4.80 -0.76 13.62
CA TRP A 120 4.51 -1.80 14.61
C TRP A 120 3.23 -1.56 15.44
N TRP A 121 2.89 -0.29 15.67
CA TRP A 121 1.81 -0.01 16.62
C TRP A 121 0.47 0.20 15.91
N LEU A 122 -0.59 0.12 16.71
CA LEU A 122 -1.94 0.17 16.24
C LEU A 122 -2.64 1.45 16.72
N ARG A 123 -3.57 1.95 15.91
CA ARG A 123 -4.46 3.02 16.33
C ARG A 123 -5.14 2.67 17.66
N GLU A 124 -5.66 3.70 18.34
CA GLU A 124 -6.46 3.51 19.54
C GLU A 124 -7.92 3.30 19.16
N PRO A 125 -8.74 2.73 20.09
CA PRO A 125 -10.13 2.38 19.77
C PRO A 125 -10.98 3.59 19.38
N HIS A 126 -10.87 4.66 20.16
CA HIS A 126 -11.64 5.89 19.92
C HIS A 126 -11.30 6.53 18.58
N GLU A 133 -1.74 8.70 9.82
CA GLU A 133 -0.66 7.75 9.97
C GLU A 133 -1.02 6.33 9.47
N PRO A 134 -0.07 5.65 8.80
CA PRO A 134 -0.22 4.20 8.65
C PRO A 134 0.02 3.54 10.00
N ASP A 135 -0.87 2.65 10.42
CA ASP A 135 -0.57 1.87 11.61
C ASP A 135 -0.37 0.42 11.19
N VAL A 136 -0.20 -0.46 12.18
CA VAL A 136 0.05 -1.85 11.91
C VAL A 136 -1.09 -2.53 11.16
N PHE A 137 -2.33 -2.08 11.39
CA PHE A 137 -3.44 -2.59 10.62
C PHE A 137 -3.39 -2.19 9.17
N HIS A 138 -3.18 -0.90 8.89
CA HIS A 138 -3.10 -0.54 7.50
C HIS A 138 -1.91 -1.26 6.83
N ASP A 139 -0.76 -1.18 7.47
CA ASP A 139 0.46 -1.70 6.87
C ASP A 139 0.46 -3.20 6.67
N LEU A 140 -0.06 -3.93 7.68
CA LEU A 140 -0.03 -5.37 7.66
C LEU A 140 -1.28 -6.01 7.05
N PHE A 141 -2.47 -5.67 7.56
CA PHE A 141 -3.69 -6.19 6.94
C PHE A 141 -3.79 -5.70 5.49
N GLY A 142 -3.48 -4.44 5.26
CA GLY A 142 -3.70 -3.87 3.96
C GLY A 142 -2.70 -4.31 2.88
N HIS A 143 -1.41 -4.19 3.18
CA HIS A 143 -0.36 -4.36 2.17
C HIS A 143 0.09 -5.81 2.00
N VAL A 144 0.29 -6.51 3.10
CA VAL A 144 1.05 -7.76 3.13
C VAL A 144 0.40 -8.99 2.47
N PRO A 145 -0.94 -9.18 2.62
CA PRO A 145 -1.54 -10.34 1.97
C PRO A 145 -1.26 -10.47 0.49
N LEU A 146 -1.10 -9.33 -0.19
CA LEU A 146 -0.84 -9.29 -1.64
C LEU A 146 0.59 -9.69 -2.06
N LEU A 147 1.55 -9.58 -1.15
CA LEU A 147 2.93 -10.06 -1.36
C LEU A 147 2.99 -11.56 -1.66
N ILE A 148 1.85 -12.22 -1.57
CA ILE A 148 1.66 -13.63 -1.93
C ILE A 148 1.56 -13.82 -3.44
N ASN A 149 1.17 -12.77 -4.15
CA ASN A 149 1.11 -12.79 -5.58
C ASN A 149 2.50 -12.47 -6.11
N PRO A 150 3.15 -13.42 -6.82
CA PRO A 150 4.53 -13.30 -7.31
C PRO A 150 4.76 -12.10 -8.22
N VAL A 151 3.77 -11.78 -9.07
CA VAL A 151 3.89 -10.63 -9.99
C VAL A 151 3.80 -9.32 -9.20
N PHE A 152 2.81 -9.20 -8.29
CA PHE A 152 2.77 -8.07 -7.36
C PHE A 152 4.04 -7.97 -6.48
N ALA A 153 4.47 -9.09 -5.93
CA ALA A 153 5.77 -9.17 -5.23
C ALA A 153 6.95 -8.61 -6.06
N ASP A 154 7.00 -8.93 -7.36
CA ASP A 154 8.11 -8.46 -8.23
C ASP A 154 7.97 -6.97 -8.56
N TYR A 155 6.73 -6.54 -8.78
CA TYR A 155 6.40 -5.13 -9.00
C TYR A 155 6.88 -4.25 -7.87
N LEU A 156 6.64 -4.69 -6.63
CA LEU A 156 7.07 -3.96 -5.45
C LEU A 156 8.60 -3.89 -5.32
N GLU A 157 9.28 -5.02 -5.53
CA GLU A 157 10.73 -5.01 -5.65
C GLU A 157 11.24 -4.02 -6.73
N ALA A 158 10.68 -4.11 -7.92
CA ALA A 158 11.00 -3.21 -9.04
C ALA A 158 10.78 -1.75 -8.63
N TYR A 159 9.65 -1.48 -7.96
CA TYR A 159 9.35 -0.15 -7.42
C TYR A 159 10.46 0.33 -6.48
N GLY A 160 10.82 -0.51 -5.50
CA GLY A 160 11.89 -0.22 -4.58
C GLY A 160 13.16 0.22 -5.30
N LYS A 161 13.62 -0.61 -6.23
CA LYS A 161 14.80 -0.32 -7.08
C LYS A 161 14.66 0.96 -7.89
N GLY A 162 13.44 1.24 -8.37
CA GLY A 162 13.17 2.46 -9.11
C GLY A 162 13.42 3.72 -8.29
N GLY A 163 13.57 3.56 -6.98
CA GLY A 163 13.81 4.71 -6.08
C GLY A 163 15.05 5.53 -6.42
N VAL A 164 16.13 4.85 -6.74
CA VAL A 164 17.43 5.50 -6.98
C VAL A 164 17.44 6.38 -8.23
N LYS A 165 16.83 5.91 -9.32
CA LYS A 165 16.75 6.73 -10.54
C LYS A 165 15.87 7.98 -10.30
N ALA A 166 14.72 7.80 -9.65
CA ALA A 166 13.80 8.90 -9.36
C ALA A 166 14.47 9.94 -8.47
N LYS A 167 15.21 9.46 -7.47
CA LYS A 167 15.98 10.31 -6.57
C LYS A 167 17.05 11.05 -7.35
N ALA A 168 17.81 10.33 -8.19
CA ALA A 168 18.84 10.94 -9.07
C ALA A 168 18.29 12.05 -9.95
N LEU A 169 17.01 11.93 -10.31
CA LEU A 169 16.37 12.90 -11.20
C LEU A 169 15.45 13.92 -10.51
N GLY A 170 15.36 13.89 -9.18
CA GLY A 170 14.43 14.78 -8.44
C GLY A 170 12.98 14.49 -8.80
N ALA A 171 12.70 13.21 -9.06
CA ALA A 171 11.39 12.78 -9.53
C ALA A 171 10.66 11.85 -8.57
N LEU A 172 11.11 11.77 -7.31
CA LEU A 172 10.47 10.91 -6.28
C LEU A 172 8.97 11.15 -6.09
N PRO A 173 8.53 12.43 -6.10
CA PRO A 173 7.08 12.73 -6.05
C PRO A 173 6.31 12.06 -7.20
N MET A 174 6.96 11.90 -8.35
CA MET A 174 6.30 11.29 -9.51
C MET A 174 6.18 9.78 -9.33
N LEU A 175 7.26 9.15 -8.85
CA LEU A 175 7.24 7.77 -8.40
C LEU A 175 6.23 7.51 -7.26
N ALA A 176 6.16 8.41 -6.30
CA ALA A 176 5.23 8.24 -5.17
C ALA A 176 3.77 8.29 -5.61
N ARG A 177 3.48 9.07 -6.65
CA ARG A 177 2.11 9.15 -7.18
C ARG A 177 1.72 7.79 -7.78
N LEU A 178 2.67 7.19 -8.48
CA LEU A 178 2.50 5.85 -9.05
C LEU A 178 2.19 4.82 -7.96
N TYR A 179 2.99 4.82 -6.89
CA TYR A 179 2.80 3.97 -5.73
C TYR A 179 1.44 4.21 -5.09
N TRP A 180 1.13 5.47 -4.82
CA TRP A 180 -0.16 5.85 -4.22
C TRP A 180 -1.31 5.29 -5.03
N TYR A 181 -1.24 5.49 -6.34
CA TYR A 181 -2.36 5.13 -7.19
C TYR A 181 -2.39 3.66 -7.64
N THR A 182 -1.43 2.86 -7.19
CA THR A 182 -1.46 1.43 -7.44
C THR A 182 -1.50 0.70 -6.10
N VAL A 183 -0.35 0.61 -5.46
CA VAL A 183 -0.19 -0.04 -4.16
C VAL A 183 -1.17 0.44 -3.07
N GLU A 184 -1.34 1.75 -2.90
CA GLU A 184 -2.27 2.26 -1.86
C GLU A 184 -3.76 2.30 -2.30
N PHE A 185 -4.05 2.69 -3.55
CA PHE A 185 -5.44 2.96 -3.95
C PHE A 185 -5.84 2.44 -5.31
N GLY A 186 -5.14 1.41 -5.78
CA GLY A 186 -5.44 0.81 -7.06
C GLY A 186 -6.69 -0.04 -7.10
N LEU A 187 -7.39 0.01 -8.22
CA LEU A 187 -8.51 -0.87 -8.46
C LEU A 187 -8.11 -1.79 -9.59
N ILE A 188 -8.67 -3.00 -9.61
CA ILE A 188 -8.37 -3.96 -10.66
C ILE A 188 -9.67 -4.44 -11.29
N ASN A 189 -9.72 -4.39 -12.61
CA ASN A 189 -10.87 -4.88 -13.33
C ASN A 189 -10.79 -6.37 -13.56
N THR A 190 -11.85 -7.09 -13.20
CA THR A 190 -11.95 -8.54 -13.36
C THR A 190 -13.20 -8.92 -14.17
N PRO A 191 -13.22 -10.12 -14.81
CA PRO A 191 -14.49 -10.59 -15.42
C PRO A 191 -15.72 -10.53 -14.48
N ALA A 192 -15.50 -10.55 -13.16
CA ALA A 192 -16.59 -10.38 -12.19
C ALA A 192 -16.91 -8.93 -11.83
N GLY A 193 -16.24 -7.98 -12.48
CA GLY A 193 -16.39 -6.56 -12.17
C GLY A 193 -15.17 -5.97 -11.46
N MET A 194 -15.30 -4.72 -11.03
CA MET A 194 -14.24 -3.95 -10.41
C MET A 194 -13.90 -4.55 -9.05
N ARG A 195 -12.61 -4.72 -8.77
CA ARG A 195 -12.21 -5.15 -7.45
C ARG A 195 -11.10 -4.23 -6.93
N ILE A 196 -10.72 -4.44 -5.68
CA ILE A 196 -9.78 -3.54 -5.00
C ILE A 196 -8.44 -4.26 -4.74
N TYR A 197 -7.32 -3.63 -5.03
CA TYR A 197 -6.04 -4.15 -4.55
C TYR A 197 -5.25 -3.13 -3.72
N GLY A 198 -5.69 -1.86 -3.75
CA GLY A 198 -5.00 -0.80 -3.00
C GLY A 198 -5.12 -0.98 -1.48
N ALA A 199 -3.96 -1.05 -0.80
CA ALA A 199 -3.93 -1.31 0.65
C ALA A 199 -4.70 -0.29 1.49
N GLY A 200 -4.65 0.98 1.10
CA GLY A 200 -5.31 2.05 1.84
C GLY A 200 -6.81 1.98 1.78
N ILE A 201 -7.31 1.40 0.70
CA ILE A 201 -8.73 1.07 0.58
C ILE A 201 -9.08 -0.13 1.46
N LEU A 202 -8.29 -1.20 1.33
CA LEU A 202 -8.58 -2.50 1.95
C LEU A 202 -8.54 -2.48 3.48
N SER A 203 -7.80 -1.53 4.04
CA SER A 203 -7.82 -1.39 5.48
C SER A 203 -8.85 -0.35 5.92
N SER A 204 -9.67 0.11 5.00
CA SER A 204 -10.70 1.11 5.27
C SER A 204 -12.13 0.63 5.01
N LYS A 205 -12.94 0.62 6.07
CA LYS A 205 -14.34 0.26 5.93
C LYS A 205 -15.06 1.16 4.93
N SER A 206 -15.03 2.46 5.17
CA SER A 206 -15.82 3.39 4.36
C SER A 206 -15.28 3.61 2.97
N GLU A 207 -13.96 3.52 2.80
CA GLU A 207 -13.42 3.76 1.47
C GLU A 207 -13.58 2.54 0.54
N SER A 208 -13.47 1.35 1.12
CA SER A 208 -13.85 0.10 0.46
C SER A 208 -15.25 0.10 -0.13
N ILE A 209 -16.17 0.79 0.56
CA ILE A 209 -17.57 0.89 0.10
C ILE A 209 -17.61 1.94 -1.00
N TYR A 210 -17.12 3.13 -0.66
CA TYR A 210 -17.13 4.26 -1.54
C TYR A 210 -16.49 4.01 -2.90
N CYS A 211 -15.31 3.40 -2.93
CA CYS A 211 -14.57 3.31 -4.20
C CYS A 211 -15.25 2.46 -5.27
N LEU A 212 -16.15 1.55 -4.85
CA LEU A 212 -16.87 0.67 -5.79
C LEU A 212 -18.34 1.06 -5.96
N ASP A 213 -18.92 1.60 -4.88
CA ASP A 213 -20.36 1.79 -4.81
C ASP A 213 -20.82 3.14 -5.25
N SER A 214 -19.98 4.15 -5.00
CA SER A 214 -20.38 5.52 -5.20
C SER A 214 -20.21 5.91 -6.66
N ALA A 215 -21.13 6.74 -7.15
CA ALA A 215 -21.01 7.33 -8.47
C ALA A 215 -20.07 8.54 -8.49
N SER A 216 -19.66 8.98 -7.31
N SER A 216 -19.66 9.01 -7.32
CA SER A 216 -18.85 10.21 -7.16
CA SER A 216 -18.84 10.24 -7.22
C SER A 216 -17.41 10.17 -7.72
C SER A 216 -17.39 10.16 -7.75
N PRO A 217 -16.58 9.18 -7.30
CA PRO A 217 -15.16 9.24 -7.75
C PRO A 217 -14.96 8.91 -9.22
N ASN A 218 -13.90 9.45 -9.82
CA ASN A 218 -13.52 9.03 -11.17
C ASN A 218 -12.89 7.64 -11.11
N ARG A 219 -13.27 6.79 -12.04
CA ARG A 219 -12.62 5.50 -12.23
C ARG A 219 -12.05 5.43 -13.65
N VAL A 220 -10.73 5.41 -13.73
CA VAL A 220 -9.99 5.70 -14.95
C VAL A 220 -9.00 4.56 -15.23
N GLY A 221 -8.87 4.17 -16.51
CA GLY A 221 -7.88 3.18 -16.94
C GLY A 221 -6.47 3.63 -16.60
N PHE A 222 -5.71 2.77 -15.94
CA PHE A 222 -4.28 3.00 -15.67
C PHE A 222 -3.54 3.57 -16.89
N ASP A 223 -2.65 4.52 -16.63
CA ASP A 223 -1.80 5.12 -17.64
C ASP A 223 -0.63 5.72 -16.90
N LEU A 224 0.55 5.18 -17.15
CA LEU A 224 1.74 5.49 -16.37
C LEU A 224 1.99 7.01 -16.24
N MET A 225 2.06 7.67 -17.39
CA MET A 225 2.39 9.08 -17.50
C MET A 225 1.38 9.99 -16.79
N ARG A 226 0.10 9.73 -17.03
CA ARG A 226 -0.97 10.49 -16.38
C ARG A 226 -0.91 10.35 -14.87
N ILE A 227 -0.70 9.12 -14.38
CA ILE A 227 -0.68 8.83 -12.93
C ILE A 227 0.48 9.59 -12.26
N MET A 228 1.64 9.53 -12.90
CA MET A 228 2.85 10.20 -12.39
C MET A 228 2.77 11.71 -12.48
N ASN A 229 1.80 12.20 -13.26
CA ASN A 229 1.52 13.62 -13.30
C ASN A 229 0.25 14.00 -12.55
N THR A 230 -0.19 13.18 -11.59
CA THR A 230 -1.47 13.39 -10.89
C THR A 230 -1.31 13.53 -9.37
N ARG A 231 -1.83 14.64 -8.84
CA ARG A 231 -1.85 14.88 -7.39
C ARG A 231 -2.80 13.94 -6.67
N TYR A 232 -2.60 13.77 -5.38
CA TYR A 232 -3.52 12.96 -4.60
C TYR A 232 -3.99 13.60 -3.28
N ARG A 233 -4.93 12.92 -2.62
CA ARG A 233 -5.54 13.40 -1.39
C ARG A 233 -4.99 12.62 -0.22
N ILE A 234 -4.50 13.32 0.80
CA ILE A 234 -3.90 12.65 1.97
C ILE A 234 -4.79 12.56 3.23
N ASP A 235 -5.87 13.33 3.29
CA ASP A 235 -6.67 13.41 4.52
C ASP A 235 -8.10 12.88 4.36
N THR A 236 -8.39 12.29 3.20
CA THR A 236 -9.76 11.86 2.89
C THR A 236 -9.76 10.79 1.77
N PHE A 237 -10.95 10.42 1.28
CA PHE A 237 -11.05 9.53 0.12
C PHE A 237 -10.43 10.17 -1.12
N GLN A 238 -9.85 9.33 -1.97
CA GLN A 238 -9.35 9.74 -3.31
C GLN A 238 -10.52 10.17 -4.14
N LYS A 239 -10.28 11.05 -5.10
CA LYS A 239 -11.34 11.48 -6.01
C LYS A 239 -11.22 10.76 -7.35
N THR A 240 -10.04 10.25 -7.64
CA THR A 240 -9.81 9.42 -8.82
C THR A 240 -9.16 8.13 -8.37
N TYR A 241 -9.67 7.01 -8.90
CA TYR A 241 -9.01 5.69 -8.80
C TYR A 241 -8.58 5.21 -10.18
N PHE A 242 -7.38 4.63 -10.23
CA PHE A 242 -6.89 4.06 -11.47
C PHE A 242 -7.01 2.54 -11.46
N VAL A 243 -7.45 2.04 -12.60
CA VAL A 243 -7.88 0.66 -12.75
C VAL A 243 -6.92 -0.05 -13.71
N ILE A 244 -6.32 -1.15 -13.24
CA ILE A 244 -5.49 -2.04 -14.07
C ILE A 244 -6.33 -3.25 -14.54
N ASP A 245 -5.88 -3.91 -15.60
CA ASP A 245 -6.52 -5.17 -16.08
C ASP A 245 -5.98 -6.41 -15.39
N SER A 246 -4.72 -6.35 -14.94
CA SER A 246 -4.09 -7.46 -14.24
C SER A 246 -2.83 -6.98 -13.58
N PHE A 247 -2.30 -7.79 -12.67
CA PHE A 247 -0.96 -7.53 -12.11
C PHE A 247 0.16 -7.56 -13.16
N LYS A 248 0.04 -8.47 -14.13
CA LYS A 248 0.97 -8.55 -15.26
C LYS A 248 1.01 -7.26 -16.10
N GLN A 249 -0.16 -6.72 -16.45
CA GLN A 249 -0.23 -5.43 -17.16
C GLN A 249 0.51 -4.34 -16.38
N LEU A 250 0.29 -4.31 -15.06
CA LEU A 250 0.91 -3.30 -14.20
C LEU A 250 2.42 -3.44 -14.20
N PHE A 251 2.91 -4.67 -14.06
CA PHE A 251 4.35 -4.94 -14.09
C PHE A 251 4.94 -4.58 -15.45
N ASP A 252 4.26 -5.00 -16.52
CA ASP A 252 4.68 -4.71 -17.89
C ASP A 252 4.78 -3.21 -18.14
N ALA A 253 3.70 -2.48 -17.85
CA ALA A 253 3.62 -1.06 -18.10
C ALA A 253 4.64 -0.28 -17.31
N THR A 254 5.10 -0.83 -16.19
CA THR A 254 6.10 -0.14 -15.36
C THR A 254 7.54 -0.66 -15.56
N ALA A 255 7.73 -1.55 -16.52
CA ALA A 255 9.07 -2.03 -16.88
C ALA A 255 9.94 -1.09 -17.75
N PRO A 256 9.34 -0.28 -18.66
CA PRO A 256 10.21 0.64 -19.45
C PRO A 256 10.97 1.69 -18.63
N ASP A 257 12.07 2.20 -19.20
CA ASP A 257 12.87 3.31 -18.64
C ASP A 257 11.96 4.53 -18.34
N PHE A 258 11.89 4.91 -17.05
CA PHE A 258 11.10 6.06 -16.61
C PHE A 258 11.82 7.40 -16.83
N ALA A 259 13.11 7.36 -17.18
CA ALA A 259 13.88 8.63 -17.26
C ALA A 259 13.28 9.67 -18.22
N PRO A 260 12.92 9.30 -19.47
CA PRO A 260 12.35 10.37 -20.30
C PRO A 260 10.99 10.86 -19.82
N LEU A 261 10.22 9.95 -19.22
CA LEU A 261 8.92 10.29 -18.64
C LEU A 261 9.09 11.33 -17.53
N TYR A 262 10.05 11.11 -16.64
CA TYR A 262 10.35 12.05 -15.55
C TYR A 262 10.75 13.42 -16.05
N LEU A 263 11.61 13.44 -17.07
CA LEU A 263 12.12 14.70 -17.61
C LEU A 263 11.05 15.46 -18.36
N GLN A 264 10.21 14.74 -19.12
CA GLN A 264 9.13 15.37 -19.89
C GLN A 264 8.05 15.95 -18.98
N LEU A 265 7.93 15.44 -17.76
CA LEU A 265 6.94 15.96 -16.81
C LEU A 265 7.54 16.98 -15.85
N ALA A 266 8.82 17.30 -16.02
CA ALA A 266 9.58 18.13 -15.08
C ALA A 266 8.98 19.53 -14.91
N ASP A 267 8.68 20.17 -16.03
CA ASP A 267 8.15 21.52 -16.00
C ASP A 267 6.62 21.51 -16.14
N ALA A 268 6.05 20.30 -16.16
CA ALA A 268 4.61 20.11 -16.39
C ALA A 268 3.79 20.48 -15.16
N GLN A 269 2.51 20.79 -15.40
CA GLN A 269 1.61 21.07 -14.29
C GLN A 269 0.78 19.81 -14.02
N PRO A 270 0.68 19.40 -12.75
CA PRO A 270 -0.01 18.13 -12.45
C PRO A 270 -1.53 18.25 -12.52
N TRP A 271 -2.18 17.14 -12.88
CA TRP A 271 -3.63 17.02 -12.74
C TRP A 271 -3.93 17.09 -11.25
N GLY A 272 -5.07 17.69 -10.91
CA GLY A 272 -5.55 17.73 -9.54
C GLY A 272 -6.23 16.41 -9.27
N ALA A 273 -6.30 16.04 -7.99
CA ALA A 273 -6.84 14.76 -7.55
C ALA A 273 -8.17 14.37 -8.20
N GLY A 274 -8.96 15.39 -8.59
CA GLY A 274 -10.27 15.18 -9.17
C GLY A 274 -10.40 15.34 -10.67
N ASP A 275 -9.33 15.75 -11.34
CA ASP A 275 -9.35 15.93 -12.79
C ASP A 275 -9.60 14.67 -13.60
N ILE A 276 -10.26 14.85 -14.74
CA ILE A 276 -10.30 13.87 -15.82
C ILE A 276 -9.43 14.44 -16.93
N ALA A 277 -8.44 13.67 -17.37
CA ALA A 277 -7.54 14.09 -18.44
C ALA A 277 -8.21 13.80 -19.78
N PRO A 278 -7.95 14.69 -20.78
CA PRO A 278 -8.53 14.56 -22.12
C PRO A 278 -8.54 13.12 -22.66
N ASP A 279 -7.44 12.38 -22.44
CA ASP A 279 -7.30 11.00 -22.97
C ASP A 279 -7.53 9.84 -21.99
N ASP A 280 -8.16 10.14 -20.85
CA ASP A 280 -8.55 9.09 -19.91
C ASP A 280 -9.55 8.08 -20.50
N LEU A 281 -9.35 6.80 -20.21
CA LEU A 281 -10.40 5.80 -20.41
C LEU A 281 -11.19 5.85 -19.12
N VAL A 282 -12.34 6.50 -19.18
CA VAL A 282 -13.18 6.71 -18.02
C VAL A 282 -14.18 5.57 -17.87
N LEU A 283 -14.41 5.16 -16.62
CA LEU A 283 -15.67 4.53 -16.22
C LEU A 283 -16.42 5.37 -15.15
FE FE B . 0.27 2.03 2.88
N PHE C . 10.90 1.03 -14.83
CA PHE C . 11.20 1.97 -13.71
C PHE C . 12.43 2.80 -14.03
O PHE C . 12.98 3.50 -13.17
CB PHE C . 11.34 1.21 -12.38
CG PHE C . 10.02 0.95 -11.68
CD1 PHE C . 9.42 1.95 -10.89
CD2 PHE C . 9.37 -0.26 -11.83
CE1 PHE C . 8.20 1.72 -10.25
CE2 PHE C . 8.14 -0.49 -11.19
CZ PHE C . 7.56 0.49 -10.40
OXT PHE C . 12.89 2.82 -15.17
#